data_8OYG
#
_entry.id   8OYG
#
_cell.length_a   84.963
_cell.length_b   89.364
_cell.length_c   53.052
_cell.angle_alpha   90.000
_cell.angle_beta   124.400
_cell.angle_gamma   90.000
#
_symmetry.space_group_name_H-M   'C 1 2 1'
#
loop_
_entity.id
_entity.type
_entity.pdbx_description
1 polymer Transporter
2 non-polymer 'SODIUM ION'
3 non-polymer PANTOATE
4 non-polymer '(2R)-2,3-dihydroxypropyl (9Z)-octadec-9-enoate'
5 non-polymer 'CADMIUM ION'
6 water water
#
_entity_poly.entity_id   1
_entity_poly.type   'polypeptide(L)'
_entity_poly.pdbx_seq_one_letter_code
;MNILSKISSFIGKTFSLWAALFAAAAFFAPDTFKWAGPYIPWLLGIIMFGMGLTLKPSDFDILFKHPKVVIIGVIAQFAI
MPATAWLLSKLLNLPAEIAVGVILVGCCPGGTASNVMTYLARGNVALSVAVTSVSTLISPLLTPAIFLMLAGEMLEIQAA
GMLMSIVKMVLLPIVLGLIVHKVLGSKTEKLTDALPLVSVAAIVLIIGAVVGASKGKIMESGLLIFAVVVLHNGIGYLLG
FFAAKWTGLPYDAQKTLTIEVGMQNSGLAAALAAAHFAAAPVVAVPGALFSVWHNISGSLLATYWAAKAGKHKKPGSLEV
LFQ
;
_entity_poly.pdbx_strand_id   A
#
loop_
_chem_comp.id
_chem_comp.type
_chem_comp.name
_chem_comp.formula
CD non-polymer 'CADMIUM ION' 'Cd 2'
NA non-polymer 'SODIUM ION' 'Na 1'
OLC non-polymer '(2R)-2,3-dihydroxypropyl (9Z)-octadec-9-enoate' 'C21 H40 O4'
PAF non-polymer PANTOATE 'C6 H11 O4 -1'
#
# COMPACT_ATOMS: atom_id res chain seq x y z
N MET A 1 17.21 9.10 14.24
CA MET A 1 16.81 7.67 14.36
C MET A 1 16.05 7.21 13.12
N ASN A 2 16.33 5.98 12.69
CA ASN A 2 15.66 5.43 11.52
C ASN A 2 14.15 5.38 11.76
N ILE A 3 13.39 5.89 10.80
CA ILE A 3 11.94 5.91 10.95
C ILE A 3 11.39 4.49 10.95
N LEU A 4 12.03 3.56 10.24
CA LEU A 4 11.54 2.19 10.21
C LEU A 4 11.69 1.51 11.56
N SER A 5 12.75 1.86 12.32
CA SER A 5 12.87 1.34 13.67
C SER A 5 11.84 1.98 14.60
N LYS A 6 11.46 3.23 14.34
CA LYS A 6 10.40 3.87 15.11
C LYS A 6 9.06 3.19 14.87
N ILE A 7 8.77 2.87 13.60
CA ILE A 7 7.47 2.31 13.26
C ILE A 7 7.31 0.90 13.85
N SER A 8 8.27 0.02 13.57
CA SER A 8 8.18 -1.34 14.08
C SER A 8 8.13 -1.37 15.60
N SER A 9 8.94 -0.53 16.25
CA SER A 9 8.92 -0.46 17.71
C SER A 9 7.56 0.00 18.21
N PHE A 10 6.96 0.98 17.53
CA PHE A 10 5.65 1.47 17.96
C PHE A 10 4.58 0.40 17.79
N ILE A 11 4.58 -0.29 16.66
CA ILE A 11 3.59 -1.35 16.42
C ILE A 11 3.79 -2.48 17.42
N GLY A 12 5.01 -3.01 17.52
CA GLY A 12 5.25 -4.13 18.41
C GLY A 12 4.91 -3.83 19.85
N LYS A 13 4.92 -2.57 20.24
CA LYS A 13 4.67 -2.19 21.62
C LYS A 13 3.22 -1.85 21.90
N THR A 14 2.40 -1.59 20.87
CA THR A 14 1.05 -1.12 21.08
C THR A 14 0.03 -1.83 20.19
N PHE A 15 0.39 -2.98 19.60
CA PHE A 15 -0.55 -3.65 18.70
C PHE A 15 -1.81 -4.07 19.45
N SER A 16 -1.70 -4.36 20.74
CA SER A 16 -2.89 -4.73 21.52
C SER A 16 -3.85 -3.56 21.64
N LEU A 17 -3.33 -2.39 22.04
CA LEU A 17 -4.20 -1.24 22.27
C LEU A 17 -4.95 -0.86 20.99
N TRP A 18 -4.31 -1.01 19.83
CA TRP A 18 -4.98 -0.72 18.58
C TRP A 18 -6.12 -1.71 18.32
N ALA A 19 -5.86 -3.00 18.54
CA ALA A 19 -6.91 -4.00 18.38
C ALA A 19 -8.08 -3.72 19.32
N ALA A 20 -7.78 -3.24 20.52
CA ALA A 20 -8.84 -2.93 21.48
C ALA A 20 -9.56 -1.63 21.13
N LEU A 21 -8.83 -0.65 20.60
CA LEU A 21 -9.44 0.62 20.24
C LEU A 21 -10.36 0.47 19.04
N PHE A 22 -9.89 -0.23 18.00
CA PHE A 22 -10.74 -0.53 16.86
C PHE A 22 -11.99 -1.29 17.31
N ALA A 23 -11.79 -2.35 18.11
CA ALA A 23 -12.92 -3.15 18.56
C ALA A 23 -13.95 -2.29 19.28
N ALA A 24 -13.52 -1.55 20.30
CA ALA A 24 -14.46 -0.71 21.04
C ALA A 24 -15.02 0.40 20.16
N ALA A 25 -14.26 0.83 19.15
CA ALA A 25 -14.75 1.89 18.27
C ALA A 25 -15.86 1.37 17.35
N ALA A 26 -15.62 0.24 16.69
CA ALA A 26 -16.60 -0.30 15.75
C ALA A 26 -17.87 -0.75 16.45
N PHE A 27 -17.84 -0.98 17.75
CA PHE A 27 -18.98 -1.54 18.48
C PHE A 27 -19.71 -0.53 19.35
N PHE A 28 -18.99 0.42 19.96
CA PHE A 28 -19.61 1.44 20.78
C PHE A 28 -19.63 2.82 20.13
N ALA A 29 -18.93 3.01 19.03
CA ALA A 29 -18.90 4.30 18.35
C ALA A 29 -18.66 4.10 16.86
N PRO A 30 -19.56 3.41 16.16
CA PRO A 30 -19.36 3.22 14.71
C PRO A 30 -19.26 4.52 13.94
N ASP A 31 -19.77 5.62 14.49
CA ASP A 31 -19.69 6.90 13.79
C ASP A 31 -18.25 7.35 13.60
N THR A 32 -17.35 6.93 14.49
CA THR A 32 -15.95 7.32 14.38
C THR A 32 -15.44 7.10 12.96
N PHE A 33 -15.86 6.01 12.32
CA PHE A 33 -15.40 5.68 10.99
C PHE A 33 -16.31 6.22 9.90
N LYS A 34 -17.62 6.30 10.15
CA LYS A 34 -18.52 6.86 9.15
C LYS A 34 -18.25 8.34 8.94
N TRP A 35 -17.95 9.06 10.02
CA TRP A 35 -17.62 10.48 9.90
C TRP A 35 -16.32 10.69 9.14
N ALA A 36 -15.40 9.74 9.22
CA ALA A 36 -14.11 9.85 8.52
C ALA A 36 -14.18 9.41 7.07
N GLY A 37 -15.34 8.93 6.61
CA GLY A 37 -15.48 8.46 5.24
C GLY A 37 -15.08 9.49 4.22
N PRO A 38 -15.69 10.68 4.29
CA PRO A 38 -15.37 11.73 3.31
C PRO A 38 -13.94 12.26 3.39
N TYR A 39 -13.16 11.85 4.38
CA TYR A 39 -11.80 12.32 4.55
C TYR A 39 -10.76 11.26 4.18
N ILE A 40 -11.18 10.16 3.58
CA ILE A 40 -10.24 9.11 3.19
C ILE A 40 -9.11 9.68 2.32
N PRO A 41 -9.39 10.53 1.32
CA PRO A 41 -8.28 11.10 0.54
C PRO A 41 -7.29 11.89 1.40
N TRP A 42 -7.78 12.62 2.40
CA TRP A 42 -6.89 13.37 3.28
C TRP A 42 -6.12 12.45 4.20
N LEU A 43 -6.79 11.44 4.77
CA LEU A 43 -6.09 10.48 5.62
C LEU A 43 -4.96 9.80 4.87
N LEU A 44 -5.19 9.42 3.61
CA LEU A 44 -4.11 8.88 2.79
C LEU A 44 -3.06 9.95 2.54
N GLY A 45 -3.48 11.16 2.20
CA GLY A 45 -2.52 12.23 1.99
C GLY A 45 -1.61 12.44 3.17
N ILE A 46 -2.16 12.28 4.38
CA ILE A 46 -1.35 12.38 5.59
C ILE A 46 -0.32 11.26 5.63
N ILE A 47 -0.73 10.03 5.29
CA ILE A 47 0.21 8.92 5.23
C ILE A 47 1.35 9.23 4.28
N MET A 48 1.01 9.68 3.06
CA MET A 48 2.05 9.98 2.08
C MET A 48 2.87 11.19 2.47
N PHE A 49 2.27 12.16 3.17
CA PHE A 49 3.05 13.25 3.75
C PHE A 49 4.16 12.71 4.62
N GLY A 50 3.91 11.60 5.32
CA GLY A 50 4.95 11.00 6.13
C GLY A 50 6.07 10.42 5.31
N MET A 51 5.74 9.71 4.24
CA MET A 51 6.77 9.19 3.34
C MET A 51 7.70 10.31 2.87
N GLY A 52 7.12 11.41 2.41
CA GLY A 52 7.94 12.54 2.00
C GLY A 52 8.68 13.19 3.14
N LEU A 53 8.08 13.21 4.33
CA LEU A 53 8.71 13.80 5.50
C LEU A 53 9.97 13.05 5.91
N THR A 54 10.11 11.79 5.51
CA THR A 54 11.24 10.97 5.87
C THR A 54 12.14 10.64 4.68
N LEU A 55 11.74 11.04 3.47
CA LEU A 55 12.52 10.73 2.29
C LEU A 55 13.68 11.70 2.14
N LYS A 56 14.89 11.17 1.99
CA LYS A 56 16.08 11.97 1.80
C LYS A 56 16.73 11.63 0.46
N PRO A 57 17.50 12.56 -0.12
CA PRO A 57 18.12 12.27 -1.42
C PRO A 57 19.02 11.05 -1.39
N SER A 58 19.52 10.65 -0.22
CA SER A 58 20.37 9.48 -0.12
C SER A 58 19.61 8.20 -0.45
N ASP A 59 18.30 8.17 -0.19
CA ASP A 59 17.50 6.99 -0.48
C ASP A 59 17.46 6.65 -1.96
N PHE A 60 17.89 7.57 -2.83
CA PHE A 60 17.94 7.32 -4.27
C PHE A 60 19.33 6.96 -4.75
N ASP A 61 20.31 6.83 -3.84
CA ASP A 61 21.65 6.45 -4.25
C ASP A 61 21.63 5.12 -5.00
N ILE A 62 21.02 4.10 -4.41
CA ILE A 62 21.01 2.78 -5.03
C ILE A 62 20.42 2.85 -6.43
N LEU A 63 19.49 3.76 -6.66
CA LEU A 63 18.91 3.93 -7.99
C LEU A 63 19.96 4.46 -8.96
N PHE A 64 20.69 5.50 -8.57
CA PHE A 64 21.67 6.12 -9.45
C PHE A 64 22.96 5.32 -9.57
N LYS A 65 23.23 4.41 -8.62
CA LYS A 65 24.43 3.58 -8.68
C LYS A 65 24.15 2.12 -9.02
N HIS A 66 22.94 1.64 -8.76
CA HIS A 66 22.53 0.28 -9.15
C HIS A 66 21.17 0.35 -9.82
N PRO A 67 21.07 1.07 -10.94
CA PRO A 67 19.75 1.25 -11.57
C PRO A 67 19.09 -0.05 -11.96
N LYS A 68 19.85 -1.08 -12.34
CA LYS A 68 19.23 -2.29 -12.87
C LYS A 68 18.51 -3.07 -11.78
N VAL A 69 19.00 -3.04 -10.54
CA VAL A 69 18.30 -3.75 -9.48
C VAL A 69 17.01 -3.03 -9.11
N VAL A 70 17.03 -1.69 -9.16
CA VAL A 70 15.82 -0.93 -8.90
C VAL A 70 14.85 -1.06 -10.08
N ILE A 71 15.37 -1.03 -11.30
CA ILE A 71 14.51 -1.14 -12.48
C ILE A 71 13.79 -2.49 -12.48
N ILE A 72 14.48 -3.54 -12.03
CA ILE A 72 13.85 -4.86 -11.95
C ILE A 72 12.69 -4.83 -10.97
N GLY A 73 12.87 -4.15 -9.84
CA GLY A 73 11.81 -4.08 -8.86
C GLY A 73 10.60 -3.31 -9.35
N VAL A 74 10.84 -2.22 -10.08
CA VAL A 74 9.72 -1.41 -10.58
C VAL A 74 8.98 -2.17 -11.67
N ILE A 75 9.70 -2.82 -12.58
CA ILE A 75 9.06 -3.59 -13.63
C ILE A 75 8.28 -4.76 -13.03
N ALA A 76 8.90 -5.48 -12.09
CA ALA A 76 8.22 -6.59 -11.44
C ALA A 76 6.95 -6.12 -10.73
N GLN A 77 6.97 -4.91 -10.18
CA GLN A 77 5.78 -4.36 -9.54
C GLN A 77 4.63 -4.25 -10.53
N PHE A 78 4.81 -3.44 -11.58
CA PHE A 78 3.72 -3.15 -12.50
C PHE A 78 3.48 -4.28 -13.50
N ALA A 79 4.39 -5.25 -13.61
CA ALA A 79 4.20 -6.37 -14.51
C ALA A 79 3.43 -7.52 -13.88
N ILE A 80 3.43 -7.63 -12.56
CA ILE A 80 2.88 -8.78 -11.86
C ILE A 80 1.52 -8.47 -11.23
N MET A 81 1.44 -7.40 -10.45
CA MET A 81 0.26 -7.18 -9.62
C MET A 81 -0.94 -6.72 -10.42
N PRO A 82 -0.79 -5.83 -11.40
CA PRO A 82 -1.94 -5.50 -12.26
C PRO A 82 -2.47 -6.72 -13.00
N ALA A 83 -1.58 -7.50 -13.63
CA ALA A 83 -2.02 -8.69 -14.36
C ALA A 83 -2.60 -9.73 -13.41
N THR A 84 -1.98 -9.91 -12.24
CA THR A 84 -2.49 -10.86 -11.28
C THR A 84 -3.93 -10.55 -10.89
N ALA A 85 -4.21 -9.27 -10.60
CA ALA A 85 -5.57 -8.89 -10.23
C ALA A 85 -6.54 -9.16 -11.37
N TRP A 86 -6.13 -8.87 -12.61
CA TRP A 86 -7.00 -9.11 -13.75
C TRP A 86 -7.32 -10.59 -13.88
N LEU A 87 -6.30 -11.45 -13.74
CA LEU A 87 -6.50 -12.89 -13.90
C LEU A 87 -7.43 -13.43 -12.82
N LEU A 88 -7.18 -13.06 -11.56
CA LEU A 88 -8.04 -13.53 -10.47
C LEU A 88 -9.48 -13.07 -10.66
N SER A 89 -9.68 -11.88 -11.25
CA SER A 89 -11.04 -11.42 -11.52
C SER A 89 -11.73 -12.31 -12.53
N LYS A 90 -11.02 -12.68 -13.61
CA LYS A 90 -11.64 -13.46 -14.67
C LYS A 90 -11.80 -14.92 -14.30
N LEU A 91 -10.77 -15.53 -13.71
CA LEU A 91 -10.86 -16.95 -13.36
C LEU A 91 -11.94 -17.20 -12.33
N LEU A 92 -12.14 -16.25 -11.41
CA LEU A 92 -13.18 -16.36 -10.39
C LEU A 92 -14.48 -15.68 -10.81
N ASN A 93 -14.50 -15.01 -11.96
CA ASN A 93 -15.70 -14.35 -12.47
C ASN A 93 -16.36 -13.50 -11.38
N LEU A 94 -15.56 -12.59 -10.81
CA LEU A 94 -16.05 -11.72 -9.76
C LEU A 94 -17.10 -10.75 -10.32
N PRO A 95 -17.98 -10.23 -9.46
CA PRO A 95 -18.86 -9.15 -9.91
C PRO A 95 -18.05 -8.01 -10.49
N ALA A 96 -18.68 -7.26 -11.40
CA ALA A 96 -17.97 -6.21 -12.13
C ALA A 96 -17.32 -5.22 -11.17
N GLU A 97 -18.06 -4.75 -10.18
CA GLU A 97 -17.57 -3.68 -9.32
C GLU A 97 -16.60 -4.19 -8.26
N ILE A 98 -16.59 -5.50 -7.99
CA ILE A 98 -15.54 -6.07 -7.15
C ILE A 98 -14.27 -6.29 -7.96
N ALA A 99 -14.40 -6.75 -9.20
CA ALA A 99 -13.23 -6.91 -10.07
C ALA A 99 -12.53 -5.57 -10.29
N VAL A 100 -13.31 -4.49 -10.41
CA VAL A 100 -12.71 -3.17 -10.61
C VAL A 100 -11.92 -2.77 -9.37
N GLY A 101 -12.45 -3.07 -8.19
CA GLY A 101 -11.72 -2.75 -6.96
C GLY A 101 -10.48 -3.60 -6.80
N VAL A 102 -10.53 -4.86 -7.22
CA VAL A 102 -9.36 -5.73 -7.14
C VAL A 102 -8.30 -5.29 -8.14
N ILE A 103 -8.72 -4.99 -9.37
CA ILE A 103 -7.78 -4.51 -10.38
C ILE A 103 -7.20 -3.16 -9.95
N LEU A 104 -8.05 -2.30 -9.38
CA LEU A 104 -7.55 -1.01 -8.91
C LEU A 104 -6.41 -1.19 -7.93
N VAL A 105 -6.52 -2.17 -7.02
CA VAL A 105 -5.44 -2.44 -6.08
C VAL A 105 -4.19 -2.91 -6.81
N GLY A 106 -4.36 -3.79 -7.80
CA GLY A 106 -3.21 -4.29 -8.54
C GLY A 106 -2.45 -3.22 -9.27
N CYS A 107 -3.15 -2.20 -9.77
CA CYS A 107 -2.53 -1.14 -10.56
C CYS A 107 -1.88 -0.06 -9.72
N CYS A 108 -2.11 -0.04 -8.41
CA CYS A 108 -1.45 0.89 -7.53
C CYS A 108 0.03 0.52 -7.41
N PRO A 109 0.87 1.44 -6.95
CA PRO A 109 2.27 1.13 -6.72
C PRO A 109 2.44 0.33 -5.44
N GLY A 110 3.69 0.00 -5.12
CA GLY A 110 3.99 -0.70 -3.90
C GLY A 110 3.54 0.08 -2.68
N GLY A 111 3.43 -0.65 -1.57
CA GLY A 111 2.99 -0.04 -0.33
C GLY A 111 4.12 0.56 0.47
N THR A 112 3.83 1.66 1.15
CA THR A 112 4.82 2.27 2.02
C THR A 112 5.18 1.35 3.19
N ALA A 113 4.33 0.38 3.51
CA ALA A 113 4.61 -0.54 4.61
C ALA A 113 5.67 -1.56 4.25
N SER A 114 5.98 -1.74 2.97
CA SER A 114 7.01 -2.70 2.58
C SER A 114 8.38 -2.31 3.12
N ASN A 115 8.62 -1.01 3.29
CA ASN A 115 9.91 -0.57 3.82
C ASN A 115 10.16 -1.14 5.21
N VAL A 116 9.13 -1.13 6.06
CA VAL A 116 9.29 -1.67 7.41
C VAL A 116 9.36 -3.19 7.36
N MET A 117 8.57 -3.83 6.48
CA MET A 117 8.59 -5.28 6.41
C MET A 117 9.92 -5.79 5.87
N THR A 118 10.50 -5.08 4.89
CA THR A 118 11.86 -5.42 4.47
C THR A 118 12.83 -5.21 5.62
N TYR A 119 12.67 -4.12 6.37
CA TYR A 119 13.49 -3.89 7.55
C TYR A 119 13.34 -5.03 8.54
N LEU A 120 12.12 -5.54 8.72
CA LEU A 120 11.90 -6.64 9.64
C LEU A 120 12.35 -7.97 9.05
N ALA A 121 12.31 -8.11 7.73
CA ALA A 121 12.83 -9.31 7.08
C ALA A 121 14.34 -9.30 6.94
N ARG A 122 14.99 -8.18 7.26
CA ARG A 122 16.42 -8.02 7.05
C ARG A 122 16.80 -8.29 5.60
N GLY A 123 16.02 -7.69 4.70
CA GLY A 123 16.37 -7.65 3.29
C GLY A 123 17.16 -6.40 2.97
N ASN A 124 17.21 -6.07 1.69
CA ASN A 124 17.88 -4.84 1.23
C ASN A 124 16.91 -3.68 1.42
N VAL A 125 17.04 -3.00 2.55
CA VAL A 125 16.12 -1.90 2.85
C VAL A 125 16.29 -0.77 1.85
N ALA A 126 17.54 -0.42 1.53
CA ALA A 126 17.78 0.66 0.57
C ALA A 126 17.05 0.39 -0.75
N LEU A 127 17.03 -0.87 -1.18
CA LEU A 127 16.32 -1.22 -2.40
C LEU A 127 14.81 -1.08 -2.22
N SER A 128 14.29 -1.53 -1.08
CA SER A 128 12.86 -1.43 -0.83
C SER A 128 12.39 0.02 -0.89
N VAL A 129 13.13 0.92 -0.22
CA VAL A 129 12.74 2.33 -0.22
C VAL A 129 12.82 2.91 -1.63
N ALA A 130 13.79 2.45 -2.41
CA ALA A 130 13.97 3.00 -3.76
C ALA A 130 12.84 2.58 -4.69
N VAL A 131 12.58 1.27 -4.77
CA VAL A 131 11.55 0.78 -5.68
C VAL A 131 10.20 1.38 -5.34
N THR A 132 9.85 1.40 -4.05
CA THR A 132 8.57 1.95 -3.64
C THR A 132 8.47 3.44 -3.99
N SER A 133 9.57 4.18 -3.82
CA SER A 133 9.55 5.60 -4.14
C SER A 133 9.43 5.82 -5.64
N VAL A 134 10.17 5.07 -6.44
CA VAL A 134 10.08 5.22 -7.89
C VAL A 134 8.68 4.85 -8.37
N SER A 135 8.20 3.67 -7.98
CA SER A 135 6.88 3.23 -8.42
C SER A 135 5.80 4.19 -7.95
N THR A 136 5.97 4.77 -6.77
CA THR A 136 4.99 5.73 -6.27
C THR A 136 5.02 7.02 -7.08
N LEU A 137 6.23 7.51 -7.41
CA LEU A 137 6.33 8.81 -8.08
C LEU A 137 5.86 8.73 -9.53
N ILE A 138 5.94 7.56 -10.16
CA ILE A 138 5.46 7.40 -11.53
C ILE A 138 4.04 6.85 -11.59
N SER A 139 3.41 6.61 -10.44
CA SER A 139 2.06 6.03 -10.40
C SER A 139 1.00 6.99 -10.92
N PRO A 140 1.17 8.32 -10.77
CA PRO A 140 0.15 9.22 -11.34
C PRO A 140 -0.16 8.93 -12.80
N LEU A 141 0.79 8.36 -13.54
CA LEU A 141 0.60 8.01 -14.94
C LEU A 141 0.37 6.52 -15.15
N LEU A 142 1.15 5.67 -14.49
CA LEU A 142 1.05 4.24 -14.73
C LEU A 142 -0.22 3.65 -14.13
N THR A 143 -0.53 4.01 -12.89
CA THR A 143 -1.67 3.41 -12.21
C THR A 143 -2.99 3.68 -12.94
N PRO A 144 -3.34 4.92 -13.29
CA PRO A 144 -4.55 5.12 -14.11
C PRO A 144 -4.42 4.52 -15.50
N ALA A 145 -3.22 4.52 -16.08
CA ALA A 145 -3.04 3.96 -17.41
C ALA A 145 -3.35 2.47 -17.42
N ILE A 146 -2.61 1.68 -16.64
CA ILE A 146 -2.84 0.23 -16.63
C ILE A 146 -4.25 -0.07 -16.17
N PHE A 147 -4.80 0.76 -15.28
CA PHE A 147 -6.11 0.46 -14.70
C PHE A 147 -7.20 0.45 -15.76
N LEU A 148 -7.18 1.42 -16.68
CA LEU A 148 -8.20 1.45 -17.73
C LEU A 148 -7.97 0.38 -18.77
N MET A 149 -6.71 -0.02 -19.00
CA MET A 149 -6.43 -1.06 -19.97
C MET A 149 -7.00 -2.41 -19.50
N LEU A 150 -6.88 -2.71 -18.22
CA LEU A 150 -7.32 -3.98 -17.69
C LEU A 150 -8.79 -3.98 -17.27
N ALA A 151 -9.37 -2.81 -17.01
CA ALA A 151 -10.77 -2.72 -16.61
C ALA A 151 -11.54 -1.68 -17.42
N GLY A 152 -11.05 -1.35 -18.62
CA GLY A 152 -11.70 -0.32 -19.42
C GLY A 152 -13.12 -0.68 -19.80
N GLU A 153 -13.31 -1.89 -20.36
CA GLU A 153 -14.62 -2.31 -20.80
C GLU A 153 -15.59 -2.55 -19.64
N MET A 154 -15.10 -2.56 -18.41
CA MET A 154 -15.95 -2.87 -17.25
C MET A 154 -16.66 -1.64 -16.70
N LEU A 155 -16.07 -0.46 -16.84
CA LEU A 155 -16.66 0.77 -16.30
C LEU A 155 -16.07 1.96 -17.04
N GLU A 156 -16.61 3.14 -16.73
CA GLU A 156 -16.04 4.37 -17.24
C GLU A 156 -14.57 4.49 -16.80
N ILE A 157 -13.88 5.47 -17.38
CA ILE A 157 -12.44 5.59 -17.18
C ILE A 157 -12.12 6.78 -16.29
N GLN A 158 -12.25 7.99 -16.82
CA GLN A 158 -11.80 9.20 -16.11
C GLN A 158 -10.31 9.10 -15.77
N ALA A 159 -9.54 8.48 -16.66
CA ALA A 159 -8.13 8.24 -16.38
C ALA A 159 -7.41 9.54 -16.09
N ALA A 160 -7.76 10.62 -16.79
CA ALA A 160 -7.14 11.90 -16.52
C ALA A 160 -7.49 12.39 -15.12
N GLY A 161 -8.73 12.16 -14.68
CA GLY A 161 -9.11 12.57 -13.34
C GLY A 161 -8.40 11.79 -12.26
N MET A 162 -8.16 10.50 -12.51
CA MET A 162 -7.44 9.68 -11.53
C MET A 162 -5.99 10.14 -11.40
N LEU A 163 -5.35 10.49 -12.53
CA LEU A 163 -4.00 11.04 -12.47
C LEU A 163 -3.93 12.21 -11.49
N MET A 164 -4.80 13.21 -11.69
CA MET A 164 -4.80 14.37 -10.81
C MET A 164 -5.14 13.97 -9.37
N SER A 165 -5.97 12.95 -9.19
CA SER A 165 -6.25 12.47 -7.84
C SER A 165 -5.00 11.94 -7.17
N ILE A 166 -4.17 11.23 -7.92
CA ILE A 166 -2.91 10.71 -7.36
C ILE A 166 -1.94 11.85 -7.13
N VAL A 167 -1.94 12.85 -8.01
CA VAL A 167 -1.06 14.00 -7.83
C VAL A 167 -1.39 14.72 -6.53
N LYS A 168 -2.69 14.88 -6.25
CA LYS A 168 -3.10 15.59 -5.04
C LYS A 168 -2.97 14.74 -3.80
N MET A 169 -3.14 13.42 -3.92
CA MET A 169 -3.12 12.54 -2.76
C MET A 169 -1.75 11.91 -2.50
N VAL A 170 -0.85 11.93 -3.48
CA VAL A 170 0.43 11.25 -3.33
C VAL A 170 1.58 12.23 -3.56
N LEU A 171 1.66 12.79 -4.77
CA LEU A 171 2.78 13.68 -5.10
C LEU A 171 2.78 14.92 -4.21
N LEU A 172 1.63 15.60 -4.10
CA LEU A 172 1.59 16.84 -3.33
C LEU A 172 1.93 16.62 -1.86
N PRO A 173 1.33 15.67 -1.16
CA PRO A 173 1.73 15.46 0.25
C PRO A 173 3.19 15.06 0.39
N ILE A 174 3.74 14.30 -0.56
CA ILE A 174 5.16 13.95 -0.49
C ILE A 174 6.01 15.20 -0.64
N VAL A 175 5.68 16.05 -1.62
CA VAL A 175 6.42 17.31 -1.80
C VAL A 175 6.34 18.13 -0.53
N LEU A 176 5.14 18.26 0.05
CA LEU A 176 5.00 18.99 1.31
C LEU A 176 5.91 18.40 2.38
N GLY A 177 6.00 17.07 2.45
CA GLY A 177 6.88 16.46 3.42
C GLY A 177 8.33 16.81 3.18
N LEU A 178 8.74 16.88 1.92
CA LEU A 178 10.12 17.21 1.60
C LEU A 178 10.48 18.64 2.03
N ILE A 179 9.60 19.60 1.75
CA ILE A 179 9.93 20.99 2.09
C ILE A 179 9.79 21.23 3.59
N VAL A 180 8.81 20.59 4.23
CA VAL A 180 8.73 20.63 5.69
C VAL A 180 10.01 20.07 6.29
N HIS A 181 10.57 19.05 5.65
CA HIS A 181 11.86 18.50 6.10
C HIS A 181 12.98 19.50 5.89
N LYS A 182 13.00 20.15 4.71
CA LYS A 182 14.04 21.14 4.44
C LYS A 182 13.94 22.34 5.38
N VAL A 183 12.72 22.79 5.66
CA VAL A 183 12.53 23.98 6.49
C VAL A 183 12.99 23.73 7.91
N LEU A 184 12.52 22.64 8.52
CA LEU A 184 12.82 22.36 9.92
C LEU A 184 14.18 21.72 10.12
N GLY A 185 14.75 21.12 9.09
CA GLY A 185 16.06 20.52 9.22
C GLY A 185 16.07 19.42 10.26
N SER A 186 16.88 19.61 11.31
CA SER A 186 17.00 18.60 12.36
C SER A 186 15.76 18.52 13.24
N LYS A 187 14.96 19.58 13.30
CA LYS A 187 13.77 19.58 14.14
C LYS A 187 12.70 18.60 13.64
N THR A 188 12.90 17.99 12.48
CA THR A 188 11.91 17.05 11.95
C THR A 188 11.95 15.71 12.66
N GLU A 189 13.03 15.43 13.41
CA GLU A 189 13.07 14.20 14.19
C GLU A 189 11.93 14.13 15.21
N LYS A 190 11.50 15.29 15.72
CA LYS A 190 10.40 15.31 16.67
C LYS A 190 9.06 15.11 15.98
N LEU A 191 8.91 15.60 14.75
CA LEU A 191 7.68 15.37 14.00
C LEU A 191 7.56 13.92 13.58
N THR A 192 8.67 13.29 13.21
CA THR A 192 8.64 11.89 12.81
C THR A 192 8.41 10.97 14.00
N ASP A 193 8.64 11.45 15.23
CA ASP A 193 8.31 10.64 16.41
C ASP A 193 6.82 10.36 16.48
N ALA A 194 5.99 11.27 15.98
CA ALA A 194 4.54 11.10 15.97
C ALA A 194 4.03 10.46 14.69
N LEU A 195 4.90 10.15 13.74
CA LEU A 195 4.47 9.64 12.45
C LEU A 195 3.88 8.24 12.59
N PRO A 196 4.50 7.34 13.36
CA PRO A 196 3.86 6.02 13.53
C PRO A 196 2.46 6.10 14.10
N LEU A 197 2.25 6.95 15.11
CA LEU A 197 0.92 7.12 15.68
C LEU A 197 -0.05 7.68 14.63
N VAL A 198 0.34 8.77 13.97
CA VAL A 198 -0.56 9.41 13.02
C VAL A 198 -0.86 8.48 11.85
N SER A 199 0.15 7.76 11.35
CA SER A 199 -0.05 6.90 10.19
C SER A 199 -1.00 5.75 10.54
N VAL A 200 -0.75 5.07 11.67
CA VAL A 200 -1.58 3.94 12.06
C VAL A 200 -3.03 4.40 12.28
N ALA A 201 -3.20 5.52 12.99
CA ALA A 201 -4.54 6.05 13.19
C ALA A 201 -5.24 6.30 11.85
N ALA A 202 -4.52 6.90 10.90
CA ALA A 202 -5.11 7.13 9.58
C ALA A 202 -5.44 5.82 8.88
N ILE A 203 -4.57 4.81 9.01
CA ILE A 203 -4.78 3.54 8.33
C ILE A 203 -6.05 2.87 8.86
N VAL A 204 -6.26 2.89 10.17
CA VAL A 204 -7.42 2.20 10.73
C VAL A 204 -8.70 2.97 10.45
N LEU A 205 -8.63 4.30 10.41
CA LEU A 205 -9.81 5.09 10.07
C LEU A 205 -10.24 4.82 8.62
N ILE A 206 -9.29 4.75 7.70
CA ILE A 206 -9.61 4.46 6.30
C ILE A 206 -10.30 3.12 6.19
N ILE A 207 -9.73 2.10 6.84
CA ILE A 207 -10.28 0.74 6.73
C ILE A 207 -11.68 0.69 7.31
N GLY A 208 -11.86 1.19 8.53
CA GLY A 208 -13.18 1.15 9.15
C GLY A 208 -14.22 1.94 8.40
N ALA A 209 -13.81 3.05 7.78
CA ALA A 209 -14.77 3.85 7.01
C ALA A 209 -15.25 3.08 5.79
N VAL A 210 -14.34 2.47 5.04
CA VAL A 210 -14.74 1.68 3.88
C VAL A 210 -15.58 0.49 4.31
N VAL A 211 -15.14 -0.22 5.35
CA VAL A 211 -15.87 -1.41 5.81
C VAL A 211 -17.27 -1.02 6.26
N GLY A 212 -17.37 -0.03 7.15
CA GLY A 212 -18.66 0.35 7.68
C GLY A 212 -19.62 0.89 6.62
N ALA A 213 -19.08 1.47 5.56
CA ALA A 213 -19.91 2.04 4.50
C ALA A 213 -20.36 1.01 3.47
N SER A 214 -19.92 -0.24 3.58
CA SER A 214 -20.24 -1.26 2.60
C SER A 214 -20.50 -2.60 3.29
N LYS A 215 -21.12 -2.54 4.48
CA LYS A 215 -21.33 -3.77 5.25
C LYS A 215 -22.38 -4.67 4.63
N GLY A 216 -23.21 -4.14 3.73
CA GLY A 216 -24.19 -4.99 3.06
C GLY A 216 -23.55 -5.95 2.08
N LYS A 217 -22.67 -5.43 1.21
CA LYS A 217 -21.99 -6.27 0.23
C LYS A 217 -20.81 -7.03 0.84
N ILE A 218 -20.34 -6.62 2.01
CA ILE A 218 -19.32 -7.43 2.69
C ILE A 218 -19.94 -8.67 3.29
N MET A 219 -21.21 -8.60 3.71
CA MET A 219 -21.87 -9.76 4.28
C MET A 219 -22.03 -10.87 3.24
N GLU A 220 -22.29 -10.51 1.99
CA GLU A 220 -22.54 -11.50 0.96
C GLU A 220 -21.31 -11.81 0.10
N SER A 221 -20.33 -10.91 0.05
CA SER A 221 -19.14 -11.11 -0.77
C SER A 221 -17.83 -10.84 -0.04
N GLY A 222 -17.88 -10.44 1.23
CA GLY A 222 -16.65 -10.11 1.93
C GLY A 222 -15.67 -11.27 1.97
N LEU A 223 -16.16 -12.48 2.18
CA LEU A 223 -15.28 -13.64 2.22
C LEU A 223 -14.65 -13.90 0.87
N LEU A 224 -15.40 -13.69 -0.22
CA LEU A 224 -14.84 -13.87 -1.55
C LEU A 224 -13.77 -12.82 -1.84
N ILE A 225 -13.97 -11.60 -1.36
CA ILE A 225 -12.99 -10.54 -1.57
C ILE A 225 -11.72 -10.83 -0.79
N PHE A 226 -11.86 -11.30 0.46
CA PHE A 226 -10.69 -11.65 1.25
C PHE A 226 -9.88 -12.73 0.56
N ALA A 227 -10.54 -13.80 0.12
CA ALA A 227 -9.84 -14.87 -0.59
C ALA A 227 -9.05 -14.32 -1.77
N VAL A 228 -9.69 -13.45 -2.56
CA VAL A 228 -9.00 -12.83 -3.70
C VAL A 228 -7.80 -12.04 -3.22
N VAL A 229 -7.95 -11.31 -2.12
CA VAL A 229 -6.85 -10.51 -1.58
C VAL A 229 -5.68 -11.42 -1.20
N VAL A 230 -5.97 -12.51 -0.48
CA VAL A 230 -4.92 -13.44 -0.08
C VAL A 230 -4.18 -13.97 -1.30
N LEU A 231 -4.93 -14.42 -2.31
CA LEU A 231 -4.31 -14.95 -3.51
C LEU A 231 -3.52 -13.87 -4.24
N HIS A 232 -4.14 -12.70 -4.46
CA HIS A 232 -3.43 -11.60 -5.12
C HIS A 232 -2.15 -11.27 -4.37
N ASN A 233 -2.24 -11.13 -3.05
CA ASN A 233 -1.06 -10.85 -2.24
C ASN A 233 -0.06 -12.00 -2.30
N GLY A 234 -0.55 -13.24 -2.20
CA GLY A 234 0.35 -14.38 -2.20
C GLY A 234 1.05 -14.58 -3.53
N ILE A 235 0.30 -14.47 -4.63
CA ILE A 235 0.91 -14.63 -5.95
C ILE A 235 1.97 -13.56 -6.18
N GLY A 236 1.73 -12.36 -5.67
CA GLY A 236 2.74 -11.31 -5.79
C GLY A 236 4.03 -11.68 -5.09
N TYR A 237 3.92 -12.22 -3.88
CA TYR A 237 5.11 -12.71 -3.18
C TYR A 237 5.83 -13.76 -4.02
N LEU A 238 5.10 -14.79 -4.45
CA LEU A 238 5.73 -15.90 -5.16
C LEU A 238 6.45 -15.42 -6.42
N LEU A 239 5.77 -14.61 -7.24
CA LEU A 239 6.37 -14.15 -8.49
C LEU A 239 7.45 -13.10 -8.24
N GLY A 240 7.30 -12.30 -7.18
CA GLY A 240 8.34 -11.35 -6.84
C GLY A 240 9.63 -12.01 -6.39
N PHE A 241 9.52 -13.19 -5.78
CA PHE A 241 10.70 -13.94 -5.36
C PHE A 241 11.38 -14.62 -6.55
N PHE A 242 10.59 -15.28 -7.40
CA PHE A 242 11.15 -15.93 -8.58
C PHE A 242 11.56 -14.92 -9.65
N ALA A 243 11.08 -13.68 -9.56
CA ALA A 243 11.59 -12.64 -10.45
C ALA A 243 12.99 -12.21 -10.02
N ALA A 244 13.18 -11.98 -8.73
CA ALA A 244 14.50 -11.61 -8.23
C ALA A 244 15.49 -12.77 -8.33
N LYS A 245 15.02 -14.00 -8.15
CA LYS A 245 15.91 -15.15 -8.25
C LYS A 245 16.33 -15.39 -9.69
N TRP A 246 15.37 -15.41 -10.61
CA TRP A 246 15.67 -15.73 -12.01
C TRP A 246 16.49 -14.65 -12.70
N THR A 247 16.47 -13.41 -12.19
CA THR A 247 17.36 -12.37 -12.69
C THR A 247 18.72 -12.41 -12.02
N GLY A 248 18.94 -13.31 -11.07
CA GLY A 248 20.23 -13.42 -10.42
C GLY A 248 20.49 -12.37 -9.35
N LEU A 249 19.48 -12.07 -8.53
CA LEU A 249 19.66 -11.09 -7.47
C LEU A 249 19.96 -11.77 -6.14
N PRO A 250 20.69 -11.11 -5.24
CA PRO A 250 21.07 -11.75 -3.98
C PRO A 250 19.88 -12.00 -3.08
N TYR A 251 20.11 -12.83 -2.06
CA TYR A 251 19.03 -13.26 -1.18
C TYR A 251 18.37 -12.07 -0.49
N ASP A 252 19.17 -11.12 0.01
CA ASP A 252 18.59 -9.94 0.64
C ASP A 252 17.69 -9.19 -0.32
N ALA A 253 18.06 -9.13 -1.60
CA ALA A 253 17.24 -8.47 -2.60
C ALA A 253 16.04 -9.32 -3.00
N GLN A 254 16.19 -10.65 -2.94
CA GLN A 254 15.04 -11.52 -3.22
C GLN A 254 13.94 -11.31 -2.19
N LYS A 255 14.31 -11.16 -0.92
CA LYS A 255 13.31 -10.87 0.10
C LYS A 255 12.72 -9.48 -0.09
N THR A 256 13.55 -8.52 -0.51
CA THR A 256 13.06 -7.16 -0.71
C THR A 256 11.98 -7.12 -1.77
N LEU A 257 12.27 -7.66 -2.96
CA LEU A 257 11.31 -7.59 -4.06
C LEU A 257 10.14 -8.55 -3.87
N THR A 258 10.32 -9.61 -3.10
CA THR A 258 9.18 -10.45 -2.71
C THR A 258 8.16 -9.61 -1.95
N ILE A 259 8.61 -8.91 -0.91
CA ILE A 259 7.73 -8.05 -0.14
C ILE A 259 7.25 -6.88 -0.98
N GLU A 260 8.13 -6.33 -1.82
CA GLU A 260 7.78 -5.15 -2.59
C GLU A 260 6.61 -5.42 -3.53
N VAL A 261 6.64 -6.56 -4.23
CA VAL A 261 5.60 -6.84 -5.23
C VAL A 261 4.27 -7.16 -4.55
N GLY A 262 4.29 -8.09 -3.58
CA GLY A 262 3.06 -8.53 -2.96
C GLY A 262 2.33 -7.44 -2.20
N MET A 263 3.07 -6.54 -1.56
CA MET A 263 2.47 -5.45 -0.80
C MET A 263 2.15 -4.27 -1.71
N GLN A 264 0.98 -3.67 -1.48
CA GLN A 264 0.47 -2.62 -2.34
C GLN A 264 0.14 -1.39 -1.51
N ASN A 265 0.12 -0.23 -2.16
CA ASN A 265 -0.46 0.97 -1.58
C ASN A 265 -1.98 0.88 -1.67
N SER A 266 -2.51 -0.12 -0.96
CA SER A 266 -3.94 -0.40 -0.99
C SER A 266 -4.77 0.74 -0.40
N GLY A 267 -4.14 1.62 0.39
CA GLY A 267 -4.84 2.81 0.84
C GLY A 267 -5.12 3.77 -0.29
N LEU A 268 -4.19 3.88 -1.25
CA LEU A 268 -4.44 4.67 -2.45
C LEU A 268 -5.59 4.09 -3.25
N ALA A 269 -5.61 2.76 -3.41
CA ALA A 269 -6.72 2.11 -4.11
C ALA A 269 -8.05 2.48 -3.47
N ALA A 270 -8.14 2.38 -2.14
CA ALA A 270 -9.38 2.74 -1.46
C ALA A 270 -9.70 4.21 -1.65
N ALA A 271 -8.68 5.07 -1.61
CA ALA A 271 -8.91 6.50 -1.79
C ALA A 271 -9.38 6.82 -3.21
N LEU A 272 -8.75 6.19 -4.21
CA LEU A 272 -9.21 6.37 -5.58
C LEU A 272 -10.63 5.84 -5.76
N ALA A 273 -10.94 4.69 -5.16
CA ALA A 273 -12.29 4.15 -5.24
C ALA A 273 -13.29 5.13 -4.65
N ALA A 274 -12.95 5.75 -3.53
CA ALA A 274 -13.87 6.69 -2.90
C ALA A 274 -14.05 7.95 -3.74
N ALA A 275 -13.00 8.39 -4.44
CA ALA A 275 -13.07 9.64 -5.17
C ALA A 275 -13.69 9.47 -6.55
N HIS A 276 -13.52 8.31 -7.18
CA HIS A 276 -13.97 8.08 -8.55
C HIS A 276 -15.05 7.01 -8.67
N PHE A 277 -15.42 6.35 -7.58
CA PHE A 277 -16.51 5.38 -7.58
C PHE A 277 -17.32 5.53 -6.30
N ALA A 278 -17.71 6.77 -6.00
CA ALA A 278 -18.35 7.04 -4.71
C ALA A 278 -19.72 6.38 -4.59
N ALA A 279 -20.42 6.20 -5.71
CA ALA A 279 -21.74 5.57 -5.69
C ALA A 279 -21.67 4.05 -5.64
N ALA A 280 -20.47 3.48 -5.64
CA ALA A 280 -20.27 2.03 -5.57
C ALA A 280 -19.25 1.75 -4.48
N PRO A 281 -19.67 1.81 -3.21
CA PRO A 281 -18.70 1.68 -2.11
C PRO A 281 -17.91 0.38 -2.12
N VAL A 282 -18.49 -0.70 -2.66
CA VAL A 282 -17.79 -1.99 -2.65
C VAL A 282 -16.48 -1.92 -3.43
N VAL A 283 -16.35 -0.95 -4.34
CA VAL A 283 -15.12 -0.83 -5.12
C VAL A 283 -13.92 -0.59 -4.21
N ALA A 284 -14.15 0.02 -3.06
CA ALA A 284 -13.06 0.34 -2.14
C ALA A 284 -12.74 -0.78 -1.16
N VAL A 285 -13.57 -1.81 -1.07
CA VAL A 285 -13.43 -2.83 -0.05
C VAL A 285 -12.19 -3.68 -0.29
N PRO A 286 -11.88 -4.10 -1.52
CA PRO A 286 -10.63 -4.86 -1.73
C PRO A 286 -9.40 -4.13 -1.22
N GLY A 287 -9.34 -2.82 -1.42
CA GLY A 287 -8.20 -2.06 -0.90
C GLY A 287 -8.18 -2.05 0.62
N ALA A 288 -9.34 -1.94 1.25
CA ALA A 288 -9.39 -1.93 2.71
C ALA A 288 -8.93 -3.27 3.29
N LEU A 289 -9.43 -4.37 2.73
CA LEU A 289 -9.03 -5.68 3.22
C LEU A 289 -7.58 -5.97 2.87
N PHE A 290 -7.15 -5.62 1.66
CA PHE A 290 -5.74 -5.77 1.29
C PHE A 290 -4.85 -5.01 2.27
N SER A 291 -5.23 -3.77 2.60
CA SER A 291 -4.46 -2.99 3.56
C SER A 291 -4.29 -3.74 4.87
N VAL A 292 -5.28 -4.53 5.27
CA VAL A 292 -5.16 -5.32 6.48
C VAL A 292 -4.29 -6.55 6.24
N TRP A 293 -4.62 -7.34 5.22
CA TRP A 293 -4.00 -8.64 5.08
C TRP A 293 -2.51 -8.55 4.77
N HIS A 294 -2.12 -7.65 3.85
CA HIS A 294 -0.73 -7.65 3.40
C HIS A 294 0.23 -7.25 4.51
N ASN A 295 -0.23 -6.56 5.54
CA ASN A 295 0.60 -6.31 6.72
C ASN A 295 0.67 -7.54 7.61
N ILE A 296 -0.37 -8.35 7.61
CA ILE A 296 -0.33 -9.63 8.34
C ILE A 296 0.59 -10.59 7.62
N SER A 297 0.33 -10.85 6.33
CA SER A 297 1.18 -11.77 5.58
C SER A 297 2.61 -11.25 5.48
N GLY A 298 2.79 -9.93 5.38
CA GLY A 298 4.12 -9.38 5.30
C GLY A 298 4.94 -9.64 6.55
N SER A 299 4.37 -9.30 7.71
CA SER A 299 5.09 -9.52 8.96
C SER A 299 5.32 -11.01 9.21
N LEU A 300 4.36 -11.85 8.81
CA LEU A 300 4.55 -13.30 8.94
C LEU A 300 5.65 -13.78 8.02
N LEU A 301 5.71 -13.25 6.79
CA LEU A 301 6.78 -13.63 5.88
C LEU A 301 8.13 -13.14 6.40
N ALA A 302 8.17 -11.92 6.94
CA ALA A 302 9.42 -11.43 7.53
C ALA A 302 9.83 -12.30 8.71
N THR A 303 8.86 -12.74 9.52
CA THR A 303 9.18 -13.57 10.67
C THR A 303 9.75 -14.92 10.24
N TYR A 304 9.15 -15.54 9.21
CA TYR A 304 9.69 -16.79 8.68
C TYR A 304 11.15 -16.63 8.29
N TRP A 305 11.45 -15.62 7.48
CA TRP A 305 12.84 -15.39 7.07
C TRP A 305 13.73 -15.10 8.27
N ALA A 306 13.23 -14.33 9.23
CA ALA A 306 14.02 -14.03 10.42
C ALA A 306 14.39 -15.30 11.17
N ALA A 307 13.50 -16.30 11.17
CA ALA A 307 13.79 -17.54 11.87
C ALA A 307 14.77 -18.41 11.08
N LYS A 308 14.59 -18.52 9.76
CA LYS A 308 15.53 -19.29 8.95
C LYS A 308 16.94 -18.69 9.00
N ALA A 309 17.06 -17.41 9.36
CA ALA A 309 18.36 -16.76 9.48
C ALA A 309 18.97 -17.06 10.85
N GLY A 310 19.17 -18.36 11.11
CA GLY A 310 19.74 -18.81 12.36
C GLY A 310 19.55 -20.30 12.58
NA NA B . 3.63 -4.38 -4.77
NA NA C . 9.50 -0.67 -0.23
O1 PAF D . 1.47 0.33 2.37
C1 PAF D . 0.63 1.21 2.06
O2 PAF D . 1.00 2.26 1.46
C2 PAF D . -0.85 1.03 2.40
O3 PAF D . -1.61 1.84 1.54
C3 PAF D . -1.14 1.43 3.86
C4 PAF D . -2.62 1.20 4.14
C5 PAF D . -0.82 2.89 4.10
C6 PAF D . -0.32 0.56 4.82
O4 PAF D . -0.74 -0.77 4.73
H21 PAF D . -1.09 0.09 2.30
HO31 PAF D . -1.32 2.63 1.57
H41 PAF D . -3.14 1.87 3.66
H42 PAF D . -2.78 1.29 5.09
H43 PAF D . -2.88 0.32 3.84
H51 PAF D . -0.88 3.08 5.05
H52 PAF D . -1.45 3.45 3.62
H53 PAF D . 0.08 3.09 3.79
H61 PAF D . -0.43 0.88 5.72
H62 PAF D . 0.62 0.61 4.58
HO41 PAF D . -1.43 -0.87 5.23
C18 OLC E . 6.82 -0.72 -16.26
C10 OLC E . -1.29 -3.99 -19.37
C17 OLC E . 6.40 -2.11 -16.71
C11 OLC E . -0.12 -4.79 -18.80
C16 OLC E . 4.88 -2.18 -16.78
C12 OLC E . 0.82 -3.84 -18.05
C15 OLC E . 4.46 -3.52 -17.36
C13 OLC E . 2.22 -4.44 -18.00
C14 OLC E . 3.23 -3.33 -18.25
CD CD F . 16.95 15.53 8.84
CD CD G . 26.19 1.28 -3.86
#